data_8CKQ
#
_entry.id   8CKQ
#
_cell.length_a   79.470
_cell.length_b   79.470
_cell.length_c   203.570
_cell.angle_alpha   90.00
_cell.angle_beta   90.00
_cell.angle_gamma   90.00
#
_symmetry.space_group_name_H-M   'P 43 21 2'
#
loop_
_entity.id
_entity.type
_entity.pdbx_description
1 polymer 'Cytokinin dehydrogenase 4'
2 non-polymer 'FLAVIN-ADENINE DINUCLEOTIDE'
3 non-polymer 2-[[3,5-bis(chloranyl)phenyl]carbamoylamino]benzamide
4 water water
#
_entity_poly.entity_id   1
_entity_poly.type   'polypeptide(L)'
_entity_poly.pdbx_seq_one_letter_code
;MTRCLMFTLLFLVSSLISTVGLPVEPPAELLQLGGGDVGGGRLSVDASDIAEASRDFGGVARAEPMAVFHPRAAGDVAGL
VGAAFRSARGFRVSARGHGHSISGQAQAAGGVVVDMSRGRGPGAAVARALPVHSAALGGHYVDVWGGELWVDVLNWTLSH
GGLAPRSWTDYLYLSVGGTLSNAGISGQAFHHGPQISNVYELDVVTGKGEVVTCSETENPDLFFGVLGGLGQFGIITRAR
IALERAPKRVRWIRALYSNFSEFTADQERLISLGSGGGRRFDYVEGFVVAAEGLINNWRSSFFSPQNPVKLTSLKHHSSV
LYCLEVTKNYDDETAGSVDQDVDTLLGELNFLPGTVFTTDLPYVDFLDRVHKAELKLRAKGMWEVPHPWLNLFVPASRIA
DFDRGVFRGVLGGRTAGAGGPVLIYPMNKHKWDPRSSAVTPDEEVFYLVAFLRSALPGAPESLEALARQNQRILDFCAGT
GIGAKQYLPGHKARHEWAEHFGAARWDRFARLKAEFDPRAILAAGQGIFRPPGSPALAADS
;
_entity_poly.pdbx_strand_id   A
#
# COMPACT_ATOMS: atom_id res chain seq x y z
N GLY A 40 13.57 0.87 28.34
CA GLY A 40 14.62 1.18 27.37
C GLY A 40 14.33 2.36 26.46
N GLY A 41 13.05 2.71 26.30
CA GLY A 41 12.57 3.78 25.44
C GLY A 41 12.40 5.13 26.12
N ARG A 42 12.17 6.18 25.32
CA ARG A 42 12.03 7.52 25.87
C ARG A 42 10.90 8.37 25.28
N LEU A 43 10.22 9.10 26.17
CA LEU A 43 9.16 10.05 25.83
C LEU A 43 9.82 11.35 25.44
N SER A 44 9.28 12.01 24.42
CA SER A 44 9.80 13.25 23.89
C SER A 44 8.69 14.26 23.70
N VAL A 45 8.98 15.52 24.08
CA VAL A 45 8.08 16.65 23.92
C VAL A 45 8.77 17.71 23.03
N ASP A 46 9.82 17.28 22.30
CA ASP A 46 10.52 18.14 21.33
C ASP A 46 9.44 18.63 20.33
N ALA A 47 9.39 19.96 20.09
CA ALA A 47 8.41 20.58 19.20
C ALA A 47 8.50 20.06 17.76
N SER A 48 9.69 19.64 17.30
CA SER A 48 9.82 19.09 15.95
C SER A 48 9.26 17.67 15.89
N ASP A 49 9.37 16.91 17.00
CA ASP A 49 8.84 15.57 17.16
C ASP A 49 7.31 15.62 17.24
N ILE A 50 6.77 16.57 18.02
CA ILE A 50 5.31 16.76 18.17
C ILE A 50 4.73 17.20 16.84
N ALA A 51 5.39 18.16 16.16
CA ALA A 51 4.96 18.67 14.86
C ALA A 51 4.88 17.57 13.82
N GLU A 52 5.93 16.70 13.74
CA GLU A 52 5.99 15.58 12.78
C GLU A 52 4.89 14.53 13.04
N ALA A 53 4.68 14.17 14.31
CA ALA A 53 3.67 13.21 14.75
C ALA A 53 2.22 13.75 14.61
N SER A 54 2.10 15.06 14.37
CA SER A 54 0.83 15.79 14.24
C SER A 54 0.45 16.00 12.79
N ARG A 55 1.27 15.53 11.86
CA ARG A 55 1.01 15.70 10.45
C ARG A 55 1.23 14.38 9.69
N ASP A 56 0.84 14.34 8.40
CA ASP A 56 1.07 13.18 7.52
C ASP A 56 1.18 13.66 6.09
N PHE A 57 1.46 12.76 5.15
CA PHE A 57 1.60 13.12 3.73
C PHE A 57 0.35 13.79 3.12
N GLY A 58 -0.85 13.50 3.65
CA GLY A 58 -2.09 14.11 3.18
C GLY A 58 -2.08 15.62 3.34
N GLY A 59 -1.53 16.09 4.47
CA GLY A 59 -1.38 17.50 4.80
C GLY A 59 -2.66 18.20 5.20
N VAL A 60 -3.63 17.46 5.78
CA VAL A 60 -4.92 18.05 6.17
C VAL A 60 -5.19 17.78 7.66
N ALA A 61 -5.26 16.50 8.05
CA ALA A 61 -5.47 16.07 9.43
C ALA A 61 -4.26 16.49 10.27
N ARG A 62 -4.51 17.14 11.41
CA ARG A 62 -3.46 17.69 12.29
C ARG A 62 -3.73 17.50 13.79
N ALA A 63 -4.15 16.31 14.23
CA ALA A 63 -4.41 16.08 15.66
C ALA A 63 -3.13 15.78 16.45
N GLU A 64 -2.78 16.70 17.39
CA GLU A 64 -1.55 16.65 18.19
C GLU A 64 -1.53 15.65 19.33
N PRO A 65 -0.43 14.85 19.48
CA PRO A 65 -0.30 14.00 20.66
C PRO A 65 0.26 14.82 21.83
N MET A 66 0.31 14.24 23.04
CA MET A 66 0.93 14.87 24.21
C MET A 66 2.46 14.64 24.15
N ALA A 67 2.88 13.44 23.67
CA ALA A 67 4.29 13.08 23.52
C ALA A 67 4.52 12.04 22.41
N VAL A 68 5.79 11.90 22.00
CA VAL A 68 6.23 10.93 21.02
C VAL A 68 7.11 9.93 21.78
N PHE A 69 6.85 8.63 21.58
CA PHE A 69 7.64 7.58 22.21
C PHE A 69 8.61 7.02 21.20
N HIS A 70 9.89 6.92 21.60
CA HIS A 70 10.94 6.40 20.75
C HIS A 70 11.37 5.03 21.36
N PRO A 71 10.84 3.90 20.88
CA PRO A 71 11.21 2.61 21.49
C PRO A 71 12.58 2.11 21.04
N ARG A 72 13.18 1.23 21.84
CA ARG A 72 14.44 0.59 21.46
C ARG A 72 14.14 -0.84 21.01
N ALA A 73 13.07 -1.43 21.56
CA ALA A 73 12.66 -2.80 21.27
C ALA A 73 11.16 -2.97 21.54
N ALA A 74 10.62 -4.16 21.21
CA ALA A 74 9.22 -4.54 21.37
C ALA A 74 8.70 -4.39 22.80
N GLY A 75 9.52 -4.74 23.79
CA GLY A 75 9.15 -4.66 25.20
C GLY A 75 8.80 -3.25 25.63
N ASP A 76 9.49 -2.24 25.03
CA ASP A 76 9.23 -0.82 25.30
C ASP A 76 7.84 -0.43 24.79
N VAL A 77 7.46 -0.93 23.59
CA VAL A 77 6.16 -0.67 22.98
C VAL A 77 5.12 -1.30 23.90
N ALA A 78 5.34 -2.57 24.32
CA ALA A 78 4.47 -3.30 25.25
C ALA A 78 4.28 -2.52 26.55
N GLY A 79 5.38 -1.91 27.04
CA GLY A 79 5.41 -1.10 28.24
C GLY A 79 4.45 0.08 28.14
N LEU A 80 4.58 0.87 27.06
CA LEU A 80 3.74 2.04 26.79
C LEU A 80 2.26 1.68 26.56
N VAL A 81 1.97 0.64 25.75
CA VAL A 81 0.59 0.23 25.46
C VAL A 81 -0.06 -0.34 26.73
N GLY A 82 0.70 -1.14 27.48
CA GLY A 82 0.27 -1.73 28.76
C GLY A 82 -0.14 -0.66 29.77
N ALA A 83 0.64 0.45 29.83
CA ALA A 83 0.39 1.61 30.70
C ALA A 83 -0.90 2.35 30.26
N ALA A 84 -1.14 2.47 28.92
CA ALA A 84 -2.37 3.09 28.38
C ALA A 84 -3.58 2.24 28.72
N PHE A 85 -3.45 0.92 28.62
CA PHE A 85 -4.53 -0.02 28.94
C PHE A 85 -4.89 0.02 30.42
N ARG A 86 -3.87 0.02 31.31
CA ARG A 86 -4.04 0.06 32.76
C ARG A 86 -4.50 1.43 33.27
N SER A 87 -4.14 2.54 32.57
CA SER A 87 -4.49 3.93 32.97
C SER A 87 -5.98 4.17 33.15
N ALA A 88 -6.32 5.20 33.96
CA ALA A 88 -7.72 5.56 34.27
C ALA A 88 -8.45 6.02 33.01
N ARG A 89 -7.91 7.06 32.34
CA ARG A 89 -8.52 7.61 31.12
C ARG A 89 -8.37 6.66 29.90
N GLY A 90 -7.20 6.03 29.74
CA GLY A 90 -6.93 5.13 28.63
C GLY A 90 -6.57 5.94 27.40
N PHE A 91 -5.44 6.66 27.48
CA PHE A 91 -4.97 7.52 26.40
C PHE A 91 -4.70 6.76 25.09
N ARG A 92 -4.86 7.48 23.97
CA ARG A 92 -4.66 6.99 22.62
C ARG A 92 -3.20 6.73 22.34
N VAL A 93 -2.91 5.57 21.73
CA VAL A 93 -1.57 5.19 21.32
C VAL A 93 -1.63 4.78 19.84
N SER A 94 -0.83 5.42 18.98
CA SER A 94 -0.77 5.03 17.57
C SER A 94 0.68 4.90 17.12
N ALA A 95 0.97 3.87 16.33
CA ALA A 95 2.30 3.70 15.77
C ALA A 95 2.36 4.58 14.52
N ARG A 96 3.51 5.19 14.27
CA ARG A 96 3.74 5.98 13.06
C ARG A 96 4.90 5.30 12.32
N GLY A 97 4.65 4.98 11.05
CA GLY A 97 5.64 4.37 10.16
C GLY A 97 6.49 5.48 9.59
N HIS A 98 6.22 5.88 8.36
CA HIS A 98 6.94 6.98 7.73
C HIS A 98 6.01 8.22 7.59
N GLY A 99 4.83 8.16 8.19
CA GLY A 99 3.80 9.19 8.14
C GLY A 99 3.17 9.40 6.75
N HIS A 100 2.99 8.31 5.97
CA HIS A 100 2.47 8.47 4.61
C HIS A 100 0.94 8.43 4.46
N SER A 101 0.21 8.38 5.60
CA SER A 101 -1.25 8.41 5.68
C SER A 101 -1.77 9.69 5.03
N ILE A 102 -2.99 9.62 4.50
CA ILE A 102 -3.64 10.73 3.81
C ILE A 102 -4.60 11.45 4.72
N SER A 103 -5.15 10.79 5.72
CA SER A 103 -6.17 11.46 6.51
C SER A 103 -6.12 11.17 8.03
N GLY A 104 -4.92 11.27 8.60
CA GLY A 104 -4.66 11.19 10.04
C GLY A 104 -4.74 9.84 10.69
N GLN A 105 -4.67 8.75 9.90
CA GLN A 105 -4.74 7.39 10.43
C GLN A 105 -3.65 7.05 11.49
N ALA A 106 -2.49 7.73 11.47
CA ALA A 106 -1.39 7.45 12.45
C ALA A 106 -1.32 8.50 13.61
N GLN A 107 -2.36 9.36 13.73
CA GLN A 107 -2.41 10.43 14.74
C GLN A 107 -3.11 9.97 16.00
N ALA A 108 -2.58 10.39 17.16
CA ALA A 108 -3.14 9.96 18.44
C ALA A 108 -3.45 11.22 19.25
N ALA A 109 -4.63 11.82 19.00
CA ALA A 109 -5.11 13.07 19.61
C ALA A 109 -4.98 13.03 21.14
N GLY A 110 -4.13 13.92 21.68
CA GLY A 110 -3.83 14.03 23.10
C GLY A 110 -3.27 12.78 23.77
N GLY A 111 -2.63 11.93 22.99
CA GLY A 111 -2.07 10.67 23.49
C GLY A 111 -0.63 10.52 23.13
N VAL A 112 -0.22 9.32 22.74
CA VAL A 112 1.19 9.09 22.39
C VAL A 112 1.36 8.48 20.99
N VAL A 113 2.22 9.08 20.17
CA VAL A 113 2.56 8.50 18.90
C VAL A 113 3.89 7.74 19.12
N VAL A 114 3.93 6.44 18.76
CA VAL A 114 5.15 5.60 18.83
C VAL A 114 5.86 5.83 17.51
N ASP A 115 7.03 6.50 17.54
CA ASP A 115 7.83 6.68 16.32
C ASP A 115 8.58 5.36 16.09
N MET A 116 8.05 4.52 15.18
CA MET A 116 8.62 3.21 14.90
C MET A 116 9.91 3.24 14.09
N SER A 117 10.35 4.41 13.57
CA SER A 117 11.58 4.51 12.77
C SER A 117 12.87 4.18 13.57
N ARG A 118 13.84 3.56 12.87
CA ARG A 118 15.12 3.10 13.41
C ARG A 118 16.29 3.83 12.76
N VAL A 126 21.55 -0.47 15.80
CA VAL A 126 20.69 -1.61 16.12
C VAL A 126 21.00 -2.81 15.22
N ALA A 127 20.96 -4.04 15.83
CA ALA A 127 21.24 -5.33 15.19
C ALA A 127 20.05 -5.83 14.37
N ARG A 128 20.37 -6.41 13.21
CA ARG A 128 19.38 -6.92 12.28
C ARG A 128 19.58 -8.38 12.01
N ALA A 129 18.47 -9.14 11.93
CA ALA A 129 18.48 -10.56 11.64
C ALA A 129 18.83 -10.76 10.19
N LEU A 130 19.61 -11.82 9.92
CA LEU A 130 20.05 -12.16 8.57
C LEU A 130 18.96 -12.99 7.93
N PRO A 131 18.84 -12.99 6.58
CA PRO A 131 17.86 -13.90 5.93
C PRO A 131 18.14 -15.35 6.35
N VAL A 132 17.11 -16.19 6.32
CA VAL A 132 17.21 -17.56 6.73
C VAL A 132 16.59 -18.44 5.67
N HIS A 133 17.20 -19.60 5.41
CA HIS A 133 16.61 -20.56 4.49
C HIS A 133 15.86 -21.61 5.35
N SER A 134 14.70 -22.05 4.85
CA SER A 134 13.91 -23.09 5.51
C SER A 134 13.54 -24.18 4.52
N ALA A 135 13.91 -25.43 4.85
CA ALA A 135 13.59 -26.58 4.01
C ALA A 135 12.11 -26.91 4.11
N ALA A 136 11.45 -26.57 5.23
CA ALA A 136 10.02 -26.84 5.41
C ALA A 136 9.15 -25.86 4.56
N LEU A 137 9.55 -24.58 4.49
CA LEU A 137 8.83 -23.55 3.74
C LEU A 137 9.23 -23.56 2.26
N GLY A 138 10.35 -24.21 1.96
CA GLY A 138 10.89 -24.32 0.61
C GLY A 138 11.42 -23.02 0.04
N GLY A 139 11.91 -22.15 0.93
CA GLY A 139 12.46 -20.86 0.56
C GLY A 139 12.97 -20.05 1.73
N HIS A 140 13.40 -18.82 1.43
CA HIS A 140 13.95 -17.89 2.41
C HIS A 140 12.93 -16.94 3.04
N TYR A 141 13.33 -16.36 4.18
CA TYR A 141 12.55 -15.35 4.89
C TYR A 141 13.53 -14.46 5.61
N VAL A 142 13.07 -13.30 6.11
CA VAL A 142 13.85 -12.38 6.93
C VAL A 142 12.93 -11.73 8.01
N ASP A 143 13.39 -11.70 9.26
CA ASP A 143 12.67 -11.05 10.34
C ASP A 143 13.05 -9.58 10.33
N VAL A 144 12.06 -8.70 10.31
CA VAL A 144 12.33 -7.25 10.28
C VAL A 144 11.54 -6.57 11.37
N TRP A 145 12.08 -5.47 11.92
CA TRP A 145 11.40 -4.62 12.89
C TRP A 145 10.19 -3.98 12.14
N GLY A 146 9.05 -3.83 12.83
CA GLY A 146 7.84 -3.26 12.23
C GLY A 146 8.01 -1.88 11.62
N GLY A 147 8.94 -1.09 12.15
CA GLY A 147 9.21 0.28 11.69
C GLY A 147 10.21 0.36 10.55
N GLU A 148 10.81 -0.77 10.17
CA GLU A 148 11.80 -0.79 9.09
C GLU A 148 11.15 -0.31 7.78
N LEU A 149 11.88 0.49 6.99
CA LEU A 149 11.39 0.92 5.68
C LEU A 149 11.75 -0.13 4.68
N TRP A 150 10.85 -0.38 3.70
CA TRP A 150 11.07 -1.39 2.66
C TRP A 150 12.40 -1.15 1.91
N VAL A 151 12.81 0.13 1.69
CA VAL A 151 14.10 0.46 1.02
C VAL A 151 15.30 -0.14 1.81
N ASP A 152 15.23 -0.10 3.15
CA ASP A 152 16.26 -0.65 4.04
C ASP A 152 16.21 -2.17 4.10
N VAL A 153 15.00 -2.74 3.99
CA VAL A 153 14.82 -4.20 3.94
C VAL A 153 15.50 -4.71 2.67
N LEU A 154 15.18 -4.09 1.52
CA LEU A 154 15.74 -4.46 0.20
C LEU A 154 17.27 -4.45 0.21
N ASN A 155 17.89 -3.35 0.68
CA ASN A 155 19.35 -3.19 0.72
C ASN A 155 20.01 -4.25 1.61
N TRP A 156 19.38 -4.57 2.75
CA TRP A 156 19.81 -5.63 3.66
C TRP A 156 19.77 -7.02 3.02
N THR A 157 18.65 -7.39 2.38
CA THR A 157 18.51 -8.73 1.82
C THR A 157 19.37 -8.89 0.58
N LEU A 158 19.54 -7.81 -0.20
CA LEU A 158 20.39 -7.91 -1.39
C LEU A 158 21.85 -8.16 -1.02
N SER A 159 22.34 -7.43 -0.01
CA SER A 159 23.72 -7.53 0.47
C SER A 159 23.97 -8.80 1.33
N HIS A 160 22.92 -9.60 1.63
CA HIS A 160 23.04 -10.82 2.39
C HIS A 160 22.43 -12.00 1.65
N GLY A 161 23.05 -12.38 0.55
CA GLY A 161 22.57 -13.51 -0.23
C GLY A 161 21.88 -13.16 -1.53
N GLY A 162 21.84 -11.87 -1.88
CA GLY A 162 21.18 -11.42 -3.10
C GLY A 162 19.71 -11.80 -3.16
N LEU A 163 19.02 -11.70 -1.99
CA LEU A 163 17.60 -12.04 -1.85
C LEU A 163 16.75 -10.76 -1.78
N ALA A 164 15.45 -10.87 -2.05
CA ALA A 164 14.56 -9.70 -1.96
C ALA A 164 13.10 -10.09 -1.76
N PRO A 165 12.27 -9.23 -1.12
CA PRO A 165 10.82 -9.49 -1.10
C PRO A 165 10.29 -9.66 -2.54
N ARG A 166 9.19 -10.40 -2.73
CA ARG A 166 8.60 -10.70 -4.06
C ARG A 166 7.50 -9.72 -4.48
N SER A 167 6.86 -9.10 -3.52
CA SER A 167 5.70 -8.20 -3.73
C SER A 167 6.04 -6.84 -3.13
N TRP A 168 5.81 -5.76 -3.90
CA TRP A 168 6.18 -4.42 -3.47
C TRP A 168 5.02 -3.43 -3.43
N THR A 169 5.35 -2.20 -3.03
CA THR A 169 4.59 -0.97 -3.18
C THR A 169 5.44 -0.18 -4.24
N ASP A 170 4.86 0.86 -4.87
CA ASP A 170 5.53 1.70 -5.87
C ASP A 170 6.59 2.57 -5.16
N TYR A 171 6.40 2.82 -3.87
CA TYR A 171 7.27 3.68 -3.07
C TYR A 171 7.84 2.90 -1.89
N LEU A 172 9.18 2.87 -1.79
CA LEU A 172 9.89 2.05 -0.79
C LEU A 172 10.14 2.72 0.55
N TYR A 173 9.91 4.03 0.63
CA TYR A 173 10.08 4.73 1.90
C TYR A 173 8.77 4.69 2.68
N LEU A 174 8.28 3.46 2.89
CA LEU A 174 7.08 3.13 3.66
C LEU A 174 7.49 2.07 4.67
N SER A 175 6.89 2.06 5.87
CA SER A 175 7.24 1.05 6.86
C SER A 175 6.57 -0.28 6.57
N VAL A 176 7.20 -1.36 7.03
CA VAL A 176 6.69 -2.72 6.88
C VAL A 176 5.35 -2.85 7.63
N GLY A 177 5.28 -2.37 8.87
CA GLY A 177 4.08 -2.44 9.68
C GLY A 177 2.92 -1.65 9.10
N GLY A 178 3.25 -0.53 8.47
CA GLY A 178 2.31 0.40 7.83
C GLY A 178 1.67 -0.21 6.61
N THR A 179 2.48 -0.81 5.69
CA THR A 179 1.90 -1.46 4.51
C THR A 179 1.17 -2.75 4.89
N LEU A 180 1.74 -3.53 5.84
CA LEU A 180 1.07 -4.77 6.27
C LEU A 180 -0.27 -4.53 6.98
N SER A 181 -0.48 -3.31 7.51
CA SER A 181 -1.77 -2.91 8.14
C SER A 181 -2.81 -2.51 7.07
N ASN A 182 -2.40 -2.42 5.78
CA ASN A 182 -3.29 -2.05 4.66
C ASN A 182 -3.37 -3.19 3.63
N ALA A 183 -2.32 -3.39 2.85
CA ALA A 183 -2.18 -4.54 1.94
C ALA A 183 -0.80 -4.53 1.34
N GLY A 184 -0.42 -3.42 0.72
CA GLY A 184 0.89 -3.28 0.08
C GLY A 184 0.80 -3.81 -1.34
N ILE A 185 0.45 -2.94 -2.31
CA ILE A 185 0.26 -3.35 -3.71
C ILE A 185 1.11 -2.58 -4.68
N SER A 186 1.44 -3.23 -5.79
CA SER A 186 2.18 -2.68 -6.92
C SER A 186 1.96 -3.66 -8.07
N GLY A 187 2.74 -3.55 -9.14
CA GLY A 187 2.58 -4.39 -10.32
C GLY A 187 2.83 -5.88 -10.15
N GLN A 188 3.37 -6.33 -9.00
CA GLN A 188 3.60 -7.76 -8.72
C GLN A 188 2.42 -8.45 -8.06
N ALA A 189 1.48 -7.68 -7.47
CA ALA A 189 0.36 -8.25 -6.71
C ALA A 189 -0.54 -9.21 -7.51
N PHE A 190 -0.70 -9.04 -8.84
CA PHE A 190 -1.53 -9.95 -9.67
C PHE A 190 -1.01 -11.40 -9.59
N HIS A 191 0.33 -11.53 -9.43
CA HIS A 191 1.01 -12.82 -9.39
C HIS A 191 1.34 -13.29 -7.97
N HIS A 192 1.97 -12.44 -7.14
CA HIS A 192 2.38 -12.86 -5.80
C HIS A 192 1.37 -12.52 -4.71
N GLY A 193 0.37 -11.72 -5.08
CA GLY A 193 -0.59 -11.19 -4.14
C GLY A 193 0.02 -9.96 -3.51
N PRO A 194 -0.75 -9.25 -2.65
CA PRO A 194 -0.19 -8.10 -1.94
C PRO A 194 0.87 -8.54 -0.90
N GLN A 195 1.55 -7.57 -0.26
CA GLN A 195 2.56 -7.88 0.76
C GLN A 195 1.96 -8.68 1.95
N ILE A 196 0.65 -8.50 2.24
CA ILE A 196 -0.01 -9.28 3.32
C ILE A 196 -0.16 -10.77 2.94
N SER A 197 0.07 -11.13 1.65
CA SER A 197 0.05 -12.54 1.20
C SER A 197 1.50 -13.08 1.19
N ASN A 198 2.49 -12.26 1.64
CA ASN A 198 3.92 -12.63 1.57
C ASN A 198 4.64 -12.47 2.95
N VAL A 199 3.92 -12.78 4.02
CA VAL A 199 4.47 -12.70 5.38
C VAL A 199 4.09 -13.98 6.12
N TYR A 200 5.08 -14.62 6.74
CA TYR A 200 4.87 -15.90 7.44
C TYR A 200 4.44 -15.75 8.88
N GLU A 201 4.88 -14.68 9.54
CA GLU A 201 4.69 -14.58 10.97
C GLU A 201 4.89 -13.17 11.41
N LEU A 202 4.30 -12.83 12.57
CA LEU A 202 4.44 -11.50 13.17
C LEU A 202 4.66 -11.61 14.66
N ASP A 203 5.21 -10.55 15.26
CA ASP A 203 5.15 -10.31 16.70
C ASP A 203 4.26 -9.08 16.77
N VAL A 204 3.22 -9.16 17.59
CA VAL A 204 2.24 -8.08 17.74
C VAL A 204 2.09 -7.69 19.22
N VAL A 205 2.14 -6.40 19.50
CA VAL A 205 1.85 -5.82 20.82
C VAL A 205 0.35 -5.47 20.74
N THR A 206 -0.52 -6.24 21.39
CA THR A 206 -1.97 -6.00 21.38
C THR A 206 -2.33 -4.72 22.14
N GLY A 207 -3.59 -4.30 22.07
CA GLY A 207 -4.11 -3.13 22.78
C GLY A 207 -4.15 -3.29 24.29
N LYS A 208 -3.74 -4.47 24.78
CA LYS A 208 -3.63 -4.83 26.20
C LYS A 208 -2.16 -4.83 26.65
N GLY A 209 -1.22 -4.53 25.74
CA GLY A 209 0.21 -4.48 26.05
C GLY A 209 0.91 -5.82 26.14
N GLU A 210 0.27 -6.84 25.57
CA GLU A 210 0.76 -8.20 25.54
C GLU A 210 1.51 -8.42 24.20
N VAL A 211 2.73 -9.01 24.25
CA VAL A 211 3.52 -9.35 23.05
C VAL A 211 3.10 -10.75 22.62
N VAL A 212 2.59 -10.91 21.38
CA VAL A 212 2.11 -12.20 20.86
C VAL A 212 2.78 -12.55 19.52
N THR A 213 3.31 -13.77 19.41
CA THR A 213 3.87 -14.31 18.17
C THR A 213 2.68 -14.98 17.47
N CYS A 214 2.44 -14.62 16.21
CA CYS A 214 1.31 -15.19 15.49
C CYS A 214 1.63 -15.46 14.02
N SER A 215 0.91 -16.43 13.44
CA SER A 215 1.07 -16.95 12.07
C SER A 215 -0.20 -17.72 11.73
N GLU A 216 -0.26 -18.37 10.55
CA GLU A 216 -1.41 -19.21 10.19
C GLU A 216 -1.60 -20.39 11.20
N THR A 217 -0.50 -20.89 11.80
CA THR A 217 -0.62 -22.02 12.71
C THR A 217 -0.70 -21.60 14.18
N GLU A 218 -0.23 -20.40 14.54
CA GLU A 218 -0.19 -19.96 15.94
C GLU A 218 -0.92 -18.62 16.11
N ASN A 219 -1.99 -18.60 16.94
CA ASN A 219 -2.87 -17.42 17.17
C ASN A 219 -3.32 -16.85 15.82
N PRO A 220 -3.90 -17.68 14.92
CA PRO A 220 -4.24 -17.19 13.57
C PRO A 220 -5.25 -16.05 13.50
N ASP A 221 -6.17 -15.94 14.50
CA ASP A 221 -7.15 -14.85 14.54
C ASP A 221 -6.44 -13.52 14.65
N LEU A 222 -5.38 -13.46 15.46
CA LEU A 222 -4.63 -12.22 15.62
C LEU A 222 -3.82 -11.94 14.35
N PHE A 223 -3.16 -12.97 13.78
CA PHE A 223 -2.35 -12.84 12.55
C PHE A 223 -3.18 -12.31 11.39
N PHE A 224 -4.27 -13.02 11.03
CA PHE A 224 -5.14 -12.63 9.93
C PHE A 224 -5.92 -11.35 10.24
N GLY A 225 -6.18 -11.06 11.51
CA GLY A 225 -6.86 -9.85 11.93
C GLY A 225 -6.01 -8.62 11.70
N VAL A 226 -4.74 -8.69 12.11
CA VAL A 226 -3.74 -7.64 11.98
C VAL A 226 -3.43 -7.32 10.50
N LEU A 227 -3.32 -8.36 9.65
CA LEU A 227 -3.04 -8.17 8.21
C LEU A 227 -4.23 -7.49 7.53
N GLY A 228 -4.01 -6.25 7.10
CA GLY A 228 -5.04 -5.41 6.49
C GLY A 228 -5.96 -4.80 7.51
N GLY A 229 -5.60 -4.96 8.80
CA GLY A 229 -6.39 -4.58 9.97
C GLY A 229 -6.37 -3.15 10.44
N LEU A 230 -5.71 -2.24 9.68
CA LEU A 230 -5.68 -0.79 9.91
C LEU A 230 -5.18 -0.38 11.31
N GLY A 231 -4.27 -1.19 11.86
CA GLY A 231 -3.67 -0.98 13.18
C GLY A 231 -4.63 -1.21 14.35
N GLN A 232 -5.81 -1.81 14.09
CA GLN A 232 -6.86 -1.89 15.11
C GLN A 232 -6.63 -2.91 16.24
N PHE A 233 -5.83 -3.95 16.02
CA PHE A 233 -5.68 -5.05 16.97
C PHE A 233 -4.30 -5.17 17.63
N GLY A 234 -3.38 -4.27 17.27
CA GLY A 234 -2.02 -4.32 17.79
C GLY A 234 -1.00 -3.65 16.89
N ILE A 235 0.21 -3.47 17.43
CA ILE A 235 1.36 -2.87 16.75
C ILE A 235 2.30 -3.99 16.34
N ILE A 236 2.63 -4.06 15.05
CA ILE A 236 3.56 -5.03 14.52
C ILE A 236 4.97 -4.61 14.95
N THR A 237 5.66 -5.49 15.72
CA THR A 237 7.06 -5.18 16.14
C THR A 237 8.05 -6.02 15.34
N ARG A 238 7.58 -7.14 14.76
CA ARG A 238 8.38 -8.02 13.91
C ARG A 238 7.47 -8.57 12.85
N ALA A 239 8.00 -8.65 11.61
CA ALA A 239 7.32 -9.32 10.50
C ALA A 239 8.34 -10.23 9.85
N ARG A 240 7.94 -11.47 9.52
CA ARG A 240 8.79 -12.46 8.88
C ARG A 240 8.42 -12.46 7.39
N ILE A 241 9.22 -11.75 6.58
CA ILE A 241 8.97 -11.50 5.15
C ILE A 241 9.50 -12.61 4.26
N ALA A 242 8.67 -13.07 3.30
CA ALA A 242 9.07 -14.09 2.34
C ALA A 242 10.04 -13.43 1.35
N LEU A 243 11.09 -14.19 0.95
CA LEU A 243 12.10 -13.66 0.03
C LEU A 243 12.32 -14.60 -1.13
N GLU A 244 12.82 -14.08 -2.23
CA GLU A 244 13.19 -14.85 -3.41
C GLU A 244 14.55 -14.36 -3.83
N ARG A 245 15.23 -15.16 -4.68
CA ARG A 245 16.52 -14.78 -5.25
C ARG A 245 16.20 -13.58 -6.15
N ALA A 246 16.81 -12.45 -5.84
CA ALA A 246 16.54 -11.24 -6.59
C ALA A 246 16.97 -11.27 -8.04
N PRO A 247 16.18 -10.67 -8.98
CA PRO A 247 16.71 -10.48 -10.34
C PRO A 247 17.82 -9.43 -10.27
N LYS A 248 18.67 -9.35 -11.29
CA LYS A 248 19.75 -8.34 -11.29
C LYS A 248 19.28 -7.09 -12.04
N ARG A 249 18.54 -7.32 -13.13
CA ARG A 249 18.09 -6.22 -13.99
C ARG A 249 16.62 -6.30 -14.37
N VAL A 250 16.15 -5.20 -14.96
CA VAL A 250 14.76 -5.05 -15.38
C VAL A 250 14.69 -4.45 -16.80
N ARG A 251 13.89 -5.11 -17.67
CA ARG A 251 13.50 -4.57 -18.97
C ARG A 251 12.11 -3.91 -18.72
N TRP A 252 12.11 -2.58 -18.56
CA TRP A 252 10.98 -1.71 -18.24
C TRP A 252 10.38 -1.10 -19.51
N ILE A 253 9.13 -1.50 -19.81
CA ILE A 253 8.40 -1.13 -21.01
C ILE A 253 7.11 -0.30 -20.71
N ARG A 254 6.84 0.68 -21.60
CA ARG A 254 5.63 1.50 -21.63
C ARG A 254 5.10 1.52 -23.06
N ALA A 255 3.79 1.33 -23.23
CA ALA A 255 3.11 1.32 -24.53
C ALA A 255 1.79 2.13 -24.37
N LEU A 256 1.41 2.93 -25.42
CA LEU A 256 0.22 3.79 -25.37
C LEU A 256 -1.00 3.21 -26.06
N TYR A 257 -2.19 3.56 -25.54
CA TYR A 257 -3.50 3.11 -26.05
C TYR A 257 -4.42 4.28 -26.11
N SER A 258 -5.28 4.31 -27.14
CA SER A 258 -6.32 5.35 -27.21
C SER A 258 -7.68 4.69 -26.93
N ASN A 259 -7.75 3.35 -27.10
CA ASN A 259 -8.94 2.57 -26.88
C ASN A 259 -8.93 1.87 -25.49
N PHE A 260 -9.80 2.36 -24.57
CA PHE A 260 -9.92 1.84 -23.22
C PHE A 260 -10.29 0.37 -23.16
N SER A 261 -11.15 -0.10 -24.11
CA SER A 261 -11.56 -1.52 -24.19
C SER A 261 -10.39 -2.42 -24.54
N GLU A 262 -9.47 -1.94 -25.41
CA GLU A 262 -8.29 -2.74 -25.78
C GLU A 262 -7.26 -2.70 -24.64
N PHE A 263 -7.10 -1.53 -23.99
CA PHE A 263 -6.17 -1.34 -22.89
C PHE A 263 -6.51 -2.28 -21.73
N THR A 264 -7.78 -2.27 -21.27
CA THR A 264 -8.23 -3.16 -20.18
C THR A 264 -8.18 -4.63 -20.58
N ALA A 265 -8.58 -4.99 -21.82
CA ALA A 265 -8.55 -6.40 -22.26
C ALA A 265 -7.10 -6.93 -22.24
N ASP A 266 -6.12 -6.08 -22.62
CA ASP A 266 -4.69 -6.44 -22.61
C ASP A 266 -4.15 -6.57 -21.18
N GLN A 267 -4.50 -5.62 -20.29
CA GLN A 267 -4.11 -5.71 -18.88
C GLN A 267 -4.70 -7.00 -18.28
N GLU A 268 -5.99 -7.29 -18.53
CA GLU A 268 -6.63 -8.50 -18.02
C GLU A 268 -6.05 -9.79 -18.58
N ARG A 269 -5.63 -9.76 -19.86
CA ARG A 269 -4.97 -10.92 -20.46
C ARG A 269 -3.58 -11.15 -19.80
N LEU A 270 -2.80 -10.07 -19.60
CA LEU A 270 -1.48 -10.12 -18.99
C LEU A 270 -1.51 -10.66 -17.57
N ILE A 271 -2.52 -10.28 -16.77
CA ILE A 271 -2.58 -10.76 -15.38
C ILE A 271 -3.09 -12.23 -15.27
N SER A 272 -3.55 -12.82 -16.37
CA SER A 272 -4.02 -14.22 -16.39
C SER A 272 -2.88 -15.18 -16.76
N LEU A 273 -1.70 -14.65 -17.18
CA LEU A 273 -0.51 -15.38 -17.59
C LEU A 273 0.29 -15.85 -16.37
N GLY A 274 1.01 -16.96 -16.51
CA GLY A 274 1.80 -17.52 -15.40
C GLY A 274 0.98 -18.31 -14.40
N SER A 275 -0.38 -18.30 -14.57
CA SER A 275 -1.36 -19.05 -13.78
C SER A 275 -1.35 -20.51 -14.27
N GLY A 276 -0.81 -20.71 -15.47
CA GLY A 276 -0.61 -22.02 -16.10
C GLY A 276 0.87 -22.37 -16.19
N GLY A 277 1.73 -21.48 -15.69
CA GLY A 277 3.19 -21.65 -15.67
C GLY A 277 3.82 -21.56 -17.05
N GLY A 278 4.05 -20.31 -17.49
CA GLY A 278 4.64 -20.00 -18.78
C GLY A 278 5.26 -18.62 -18.85
N ARG A 279 5.30 -18.05 -20.06
CA ARG A 279 5.88 -16.73 -20.32
C ARG A 279 4.93 -15.63 -19.84
N ARG A 280 5.44 -14.69 -19.03
CA ARG A 280 4.66 -13.58 -18.48
C ARG A 280 5.57 -12.42 -18.09
N PHE A 281 4.95 -11.26 -17.81
CA PHE A 281 5.67 -10.10 -17.31
C PHE A 281 5.71 -10.27 -15.80
N ASP A 282 6.63 -9.57 -15.14
CA ASP A 282 6.79 -9.69 -13.69
C ASP A 282 6.11 -8.55 -12.97
N TYR A 283 5.59 -7.59 -13.74
CA TYR A 283 4.98 -6.38 -13.24
C TYR A 283 4.02 -5.89 -14.28
N VAL A 284 2.80 -5.56 -13.84
CA VAL A 284 1.72 -5.04 -14.69
C VAL A 284 1.05 -3.85 -13.98
N GLU A 285 1.28 -2.65 -14.50
CA GLU A 285 0.60 -1.46 -14.05
C GLU A 285 0.01 -0.73 -15.26
N GLY A 286 -0.50 0.46 -15.00
CA GLY A 286 -1.11 1.30 -16.01
C GLY A 286 -1.42 2.65 -15.44
N PHE A 287 -1.56 3.65 -16.33
CA PHE A 287 -1.91 4.99 -15.90
C PHE A 287 -2.66 5.73 -17.00
N VAL A 288 -3.47 6.71 -16.60
CA VAL A 288 -4.28 7.53 -17.49
C VAL A 288 -3.48 8.78 -17.81
N VAL A 289 -3.32 9.09 -19.11
CA VAL A 289 -2.56 10.23 -19.64
C VAL A 289 -3.46 11.29 -20.32
N ALA A 290 -3.21 12.58 -20.08
CA ALA A 290 -3.90 13.68 -20.76
C ALA A 290 -3.20 13.85 -22.13
N ALA A 291 -3.98 14.01 -23.23
CA ALA A 291 -3.53 14.15 -24.63
C ALA A 291 -2.19 14.90 -24.83
N GLU A 292 -2.13 16.18 -24.40
CA GLU A 292 -0.93 17.04 -24.51
C GLU A 292 0.18 16.66 -23.51
N GLY A 293 1.44 16.81 -23.95
CA GLY A 293 2.62 16.51 -23.15
C GLY A 293 2.83 15.04 -22.90
N SER A 319 -9.09 12.04 -26.54
CA SER A 319 -8.90 13.10 -25.55
C SER A 319 -7.92 12.66 -24.44
N VAL A 320 -8.00 11.38 -24.03
CA VAL A 320 -7.13 10.78 -23.02
C VAL A 320 -6.48 9.56 -23.60
N LEU A 321 -5.29 9.22 -23.09
CA LEU A 321 -4.59 8.02 -23.51
C LEU A 321 -4.35 7.16 -22.29
N TYR A 322 -4.17 5.87 -22.50
CA TYR A 322 -3.88 4.93 -21.42
C TYR A 322 -2.51 4.31 -21.65
N CYS A 323 -1.67 4.38 -20.64
CA CYS A 323 -0.34 3.81 -20.72
C CYS A 323 -0.27 2.49 -19.98
N LEU A 324 0.09 1.41 -20.73
CA LEU A 324 0.38 0.09 -20.19
C LEU A 324 1.85 0.12 -19.73
N GLU A 325 2.12 -0.34 -18.51
CA GLU A 325 3.50 -0.36 -17.98
C GLU A 325 3.78 -1.74 -17.49
N VAL A 326 4.81 -2.37 -18.09
CA VAL A 326 5.21 -3.73 -17.77
C VAL A 326 6.74 -3.85 -17.57
N THR A 327 7.16 -4.91 -16.90
CA THR A 327 8.57 -5.23 -16.75
C THR A 327 8.79 -6.70 -16.94
N LYS A 328 10.03 -7.03 -17.33
CA LYS A 328 10.52 -8.37 -17.42
C LYS A 328 11.86 -8.35 -16.67
N ASN A 329 11.86 -9.05 -15.54
CA ASN A 329 12.98 -9.24 -14.63
C ASN A 329 13.94 -10.28 -15.22
N TYR A 330 15.25 -10.03 -15.10
CA TYR A 330 16.24 -11.02 -15.57
C TYR A 330 17.57 -10.93 -14.80
N ASP A 331 18.37 -12.01 -14.93
CA ASP A 331 19.70 -12.12 -14.31
C ASP A 331 20.72 -12.62 -15.35
N ASP A 332 21.93 -13.02 -14.88
CA ASP A 332 23.00 -13.56 -15.74
C ASP A 332 22.53 -14.75 -16.57
N GLU A 333 21.76 -15.69 -15.97
CA GLU A 333 21.23 -16.88 -16.64
C GLU A 333 20.24 -16.55 -17.75
N THR A 334 19.16 -15.79 -17.44
CA THR A 334 18.06 -15.45 -18.37
C THR A 334 18.32 -14.26 -19.32
N ALA A 335 19.48 -13.57 -19.21
CA ALA A 335 19.82 -12.42 -20.06
C ALA A 335 19.79 -12.71 -21.56
N GLY A 336 20.10 -13.94 -21.95
CA GLY A 336 20.11 -14.38 -23.35
C GLY A 336 18.74 -14.64 -23.94
N SER A 337 17.69 -14.78 -23.10
CA SER A 337 16.32 -15.02 -23.54
C SER A 337 15.35 -13.85 -23.30
N VAL A 338 15.83 -12.75 -22.64
CA VAL A 338 15.00 -11.60 -22.26
C VAL A 338 14.43 -10.86 -23.49
N ASP A 339 15.25 -10.59 -24.53
CA ASP A 339 14.79 -9.88 -25.72
C ASP A 339 13.70 -10.65 -26.45
N GLN A 340 13.82 -11.99 -26.53
CA GLN A 340 12.83 -12.82 -27.19
C GLN A 340 11.56 -12.97 -26.35
N ASP A 341 11.70 -13.07 -25.02
CA ASP A 341 10.54 -13.19 -24.13
C ASP A 341 9.67 -11.94 -24.22
N VAL A 342 10.30 -10.76 -24.25
CA VAL A 342 9.65 -9.46 -24.34
C VAL A 342 8.91 -9.31 -25.68
N ASP A 343 9.60 -9.62 -26.81
CA ASP A 343 9.02 -9.53 -28.15
C ASP A 343 7.85 -10.49 -28.37
N THR A 344 7.89 -11.69 -27.78
CA THR A 344 6.82 -12.68 -27.87
C THR A 344 5.56 -12.21 -27.12
N LEU A 345 5.76 -11.61 -25.93
CA LEU A 345 4.65 -11.11 -25.10
C LEU A 345 4.03 -9.85 -25.70
N LEU A 346 4.88 -8.92 -26.19
CA LEU A 346 4.44 -7.67 -26.81
C LEU A 346 3.73 -7.88 -28.15
N GLY A 347 4.05 -8.96 -28.87
CA GLY A 347 3.46 -9.27 -30.17
C GLY A 347 1.99 -9.67 -30.08
N GLU A 348 1.61 -10.21 -28.90
CA GLU A 348 0.26 -10.63 -28.60
C GLU A 348 -0.65 -9.46 -28.15
N LEU A 349 -0.07 -8.24 -27.97
CA LEU A 349 -0.81 -7.06 -27.48
C LEU A 349 -1.30 -6.12 -28.61
N ASN A 350 -2.20 -5.17 -28.25
CA ASN A 350 -2.86 -4.26 -29.19
C ASN A 350 -2.60 -2.80 -28.94
N PHE A 351 -1.40 -2.47 -28.41
CA PHE A 351 -1.03 -1.08 -28.16
C PHE A 351 -0.87 -0.34 -29.50
N LEU A 352 -0.84 1.00 -29.46
CA LEU A 352 -0.66 1.80 -30.68
C LEU A 352 0.76 1.59 -31.24
N PRO A 353 0.90 1.22 -32.55
CA PRO A 353 2.24 1.02 -33.14
C PRO A 353 3.10 2.27 -33.02
N GLY A 354 4.37 2.07 -32.67
CA GLY A 354 5.35 3.14 -32.50
C GLY A 354 5.26 3.87 -31.18
N THR A 355 4.52 3.31 -30.20
CA THR A 355 4.42 3.95 -28.87
C THR A 355 5.13 3.14 -27.76
N VAL A 356 5.96 2.15 -28.12
CA VAL A 356 6.72 1.32 -27.19
C VAL A 356 7.99 2.09 -26.81
N PHE A 357 8.13 2.40 -25.51
CA PHE A 357 9.28 3.06 -24.90
C PHE A 357 9.90 2.00 -23.99
N THR A 358 11.21 1.76 -24.15
CA THR A 358 11.93 0.71 -23.40
C THR A 358 13.14 1.28 -22.67
N THR A 359 13.41 0.75 -21.48
CA THR A 359 14.55 1.11 -20.66
C THR A 359 15.04 -0.15 -19.94
N ASP A 360 16.36 -0.22 -19.74
CA ASP A 360 17.07 -1.33 -19.10
C ASP A 360 17.86 -0.72 -17.97
N LEU A 361 17.66 -1.21 -16.75
CA LEU A 361 18.28 -0.62 -15.57
C LEU A 361 18.39 -1.68 -14.45
N PRO A 362 19.22 -1.45 -13.40
CA PRO A 362 19.29 -2.43 -12.30
C PRO A 362 17.94 -2.50 -11.51
N TYR A 363 17.63 -3.68 -10.97
CA TYR A 363 16.42 -3.97 -10.19
C TYR A 363 16.18 -2.96 -9.05
N VAL A 364 17.23 -2.61 -8.28
CA VAL A 364 17.11 -1.62 -7.21
C VAL A 364 16.69 -0.26 -7.76
N ASP A 365 17.19 0.11 -8.95
CA ASP A 365 16.85 1.38 -9.57
C ASP A 365 15.40 1.43 -10.02
N PHE A 366 14.88 0.31 -10.61
CA PHE A 366 13.48 0.26 -11.01
C PHE A 366 12.59 0.43 -9.74
N LEU A 367 12.85 -0.37 -8.70
CA LEU A 367 12.09 -0.35 -7.44
C LEU A 367 12.13 0.99 -6.73
N ASP A 368 13.20 1.76 -6.97
CA ASP A 368 13.35 3.05 -6.31
C ASP A 368 12.92 4.23 -7.17
N ARG A 369 12.33 3.98 -8.35
CA ARG A 369 11.91 4.99 -9.31
C ARG A 369 11.09 6.16 -8.75
N VAL A 370 10.18 5.91 -7.79
CA VAL A 370 9.32 6.94 -7.21
C VAL A 370 10.14 7.85 -6.27
N HIS A 371 11.15 7.28 -5.56
CA HIS A 371 12.03 8.10 -4.71
C HIS A 371 12.83 9.11 -5.56
N LYS A 372 13.24 8.72 -6.78
CA LYS A 372 13.94 9.60 -7.72
C LYS A 372 13.05 10.77 -8.13
N ALA A 373 11.75 10.50 -8.45
CA ALA A 373 10.76 11.52 -8.78
C ALA A 373 10.60 12.46 -7.59
N GLU A 374 10.57 11.89 -6.36
CA GLU A 374 10.44 12.65 -5.11
C GLU A 374 11.57 13.67 -4.91
N LEU A 375 12.84 13.28 -5.14
CA LEU A 375 13.97 14.22 -4.98
C LEU A 375 13.84 15.42 -5.95
N LYS A 376 13.34 15.17 -7.18
CA LYS A 376 13.13 16.22 -8.19
C LYS A 376 11.99 17.17 -7.77
N LEU A 377 10.93 16.61 -7.14
CA LEU A 377 9.79 17.39 -6.66
C LEU A 377 10.16 18.23 -5.46
N ARG A 378 10.97 17.68 -4.52
CA ARG A 378 11.47 18.39 -3.33
C ARG A 378 12.31 19.64 -3.75
N ALA A 379 13.06 19.52 -4.88
CA ALA A 379 13.90 20.57 -5.46
C ALA A 379 13.04 21.75 -5.97
N LYS A 380 11.82 21.45 -6.47
CA LYS A 380 10.86 22.44 -6.98
C LYS A 380 9.82 22.88 -5.92
N GLY A 381 9.97 22.45 -4.67
CA GLY A 381 9.04 22.73 -3.57
C GLY A 381 7.64 22.17 -3.80
N MET A 382 7.57 21.04 -4.53
CA MET A 382 6.32 20.41 -4.95
C MET A 382 6.02 19.05 -4.30
N TRP A 383 6.73 18.72 -3.20
CA TRP A 383 6.54 17.45 -2.49
C TRP A 383 5.74 17.67 -1.22
N GLU A 384 6.15 18.63 -0.38
CA GLU A 384 5.44 18.93 0.85
C GLU A 384 4.28 19.91 0.59
N VAL A 385 3.26 19.41 -0.13
CA VAL A 385 2.01 20.08 -0.51
C VAL A 385 0.86 19.14 -0.09
N PRO A 386 -0.42 19.62 0.00
CA PRO A 386 -1.51 18.69 0.35
C PRO A 386 -1.67 17.62 -0.72
N HIS A 387 -1.95 16.38 -0.28
CA HIS A 387 -2.12 15.22 -1.17
C HIS A 387 -3.48 14.58 -0.91
N PRO A 388 -4.56 15.13 -1.50
CA PRO A 388 -5.90 14.52 -1.32
C PRO A 388 -6.03 13.29 -2.23
N TRP A 389 -5.29 12.23 -1.88
CA TRP A 389 -5.22 11.01 -2.68
C TRP A 389 -6.38 10.07 -2.44
N LEU A 390 -6.97 9.56 -3.52
CA LEU A 390 -8.12 8.65 -3.41
C LEU A 390 -7.81 7.31 -4.09
N ASN A 391 -7.96 6.21 -3.36
CA ASN A 391 -7.66 4.88 -3.88
C ASN A 391 -8.89 4.00 -3.85
N LEU A 392 -9.26 3.47 -5.00
CA LEU A 392 -10.43 2.58 -5.10
C LEU A 392 -10.12 1.24 -5.72
N PHE A 393 -10.78 0.23 -5.22
CA PHE A 393 -10.75 -1.11 -5.81
C PHE A 393 -12.11 -1.21 -6.55
N VAL A 394 -12.07 -1.37 -7.87
CA VAL A 394 -13.26 -1.36 -8.73
C VAL A 394 -13.47 -2.71 -9.41
N PRO A 395 -14.64 -3.35 -9.19
CA PRO A 395 -14.90 -4.65 -9.86
C PRO A 395 -14.67 -4.53 -11.36
N ALA A 396 -13.98 -5.50 -11.98
CA ALA A 396 -13.69 -5.49 -13.44
C ALA A 396 -14.97 -5.41 -14.29
N SER A 397 -16.09 -5.94 -13.78
CA SER A 397 -17.39 -5.90 -14.50
C SER A 397 -17.92 -4.44 -14.69
N ARG A 398 -17.41 -3.48 -13.89
CA ARG A 398 -17.83 -2.08 -13.96
C ARG A 398 -16.73 -1.12 -14.37
N ILE A 399 -15.55 -1.62 -14.78
CA ILE A 399 -14.43 -0.74 -15.14
C ILE A 399 -14.74 0.11 -16.40
N ALA A 400 -15.46 -0.44 -17.41
CA ALA A 400 -15.78 0.29 -18.67
C ALA A 400 -16.57 1.56 -18.41
N ASP A 401 -17.59 1.46 -17.56
CA ASP A 401 -18.49 2.55 -17.15
C ASP A 401 -17.69 3.58 -16.38
N PHE A 402 -16.72 3.08 -15.59
CA PHE A 402 -15.83 3.90 -14.79
C PHE A 402 -15.07 4.90 -15.66
N ASP A 403 -14.58 4.49 -16.81
CA ASP A 403 -13.86 5.34 -17.77
C ASP A 403 -14.66 6.50 -18.39
N ARG A 404 -15.90 6.25 -18.93
N ARG A 404 -15.88 6.17 -18.84
CA ARG A 404 -16.66 7.36 -19.53
CA ARG A 404 -16.85 7.05 -19.47
C ARG A 404 -17.11 8.34 -18.46
C ARG A 404 -17.17 8.20 -18.51
N GLY A 405 -17.61 7.81 -17.33
CA GLY A 405 -18.06 8.64 -16.23
C GLY A 405 -17.01 9.36 -15.41
N VAL A 406 -15.81 8.76 -15.22
CA VAL A 406 -14.75 9.37 -14.40
C VAL A 406 -13.64 10.00 -15.23
N PHE A 407 -12.88 9.17 -15.97
CA PHE A 407 -11.72 9.65 -16.74
C PHE A 407 -12.13 10.64 -17.81
N ARG A 408 -13.23 10.40 -18.50
CA ARG A 408 -13.74 11.32 -19.52
C ARG A 408 -14.72 12.34 -18.90
N GLY A 409 -15.57 11.87 -17.98
CA GLY A 409 -16.61 12.67 -17.31
C GLY A 409 -16.11 13.67 -16.29
N VAL A 410 -16.00 13.22 -15.00
CA VAL A 410 -15.56 14.01 -13.81
C VAL A 410 -14.22 14.73 -14.05
N LEU A 411 -13.18 14.00 -14.52
CA LEU A 411 -11.84 14.58 -14.74
C LEU A 411 -11.67 15.31 -16.07
N GLY A 412 -12.67 15.19 -16.95
CA GLY A 412 -12.67 15.86 -18.25
C GLY A 412 -12.66 17.37 -18.12
N GLY A 413 -11.85 18.02 -18.95
CA GLY A 413 -11.67 19.47 -18.97
C GLY A 413 -10.64 19.97 -17.98
N ALA A 416 -7.47 19.37 -11.70
CA ALA A 416 -6.14 18.83 -11.98
C ALA A 416 -5.07 19.22 -10.94
N GLY A 417 -5.15 20.45 -10.41
CA GLY A 417 -4.24 21.01 -9.42
C GLY A 417 -2.81 21.12 -9.93
N ALA A 418 -1.83 20.62 -9.13
CA ALA A 418 -0.41 20.59 -9.50
C ALA A 418 -0.11 19.38 -10.40
N GLY A 419 -1.14 18.55 -10.62
CA GLY A 419 -1.07 17.34 -11.41
C GLY A 419 -0.81 16.14 -10.53
N GLY A 420 -0.42 15.04 -11.16
CA GLY A 420 -0.15 13.80 -10.46
C GLY A 420 -0.71 12.60 -11.19
N PRO A 421 -0.20 11.40 -10.92
CA PRO A 421 -0.70 10.24 -11.65
C PRO A 421 -2.12 9.78 -11.29
N VAL A 422 -2.73 9.11 -12.26
CA VAL A 422 -3.98 8.42 -12.11
C VAL A 422 -3.59 6.99 -12.50
N LEU A 423 -3.36 6.12 -11.51
CA LEU A 423 -2.96 4.74 -11.77
C LEU A 423 -4.16 3.85 -12.01
N ILE A 424 -3.99 2.82 -12.85
CA ILE A 424 -5.06 1.85 -13.14
C ILE A 424 -4.48 0.51 -13.59
N TYR A 425 -4.80 -0.56 -12.85
CA TYR A 425 -4.38 -1.91 -13.21
C TYR A 425 -5.20 -2.99 -12.49
N PRO A 426 -5.42 -4.15 -13.13
CA PRO A 426 -6.19 -5.21 -12.46
C PRO A 426 -5.34 -6.16 -11.59
N MET A 427 -6.01 -6.88 -10.66
CA MET A 427 -5.33 -7.86 -9.77
C MET A 427 -6.24 -9.08 -9.65
N ASN A 428 -5.70 -10.21 -9.23
CA ASN A 428 -6.44 -11.47 -9.07
C ASN A 428 -6.81 -11.64 -7.62
N LYS A 429 -8.11 -11.70 -7.31
CA LYS A 429 -8.58 -11.86 -5.93
C LYS A 429 -8.06 -13.15 -5.24
N HIS A 430 -7.89 -14.25 -5.99
CA HIS A 430 -7.43 -15.53 -5.41
C HIS A 430 -6.01 -15.46 -4.80
N LYS A 431 -5.27 -14.35 -5.05
CA LYS A 431 -3.93 -14.13 -4.46
C LYS A 431 -4.03 -13.41 -3.11
N TRP A 432 -5.26 -13.07 -2.72
CA TRP A 432 -5.60 -12.37 -1.47
C TRP A 432 -6.26 -13.42 -0.56
N ASP A 433 -5.72 -13.63 0.63
CA ASP A 433 -6.30 -14.60 1.58
C ASP A 433 -7.62 -14.02 2.14
N PRO A 434 -8.77 -14.72 1.95
CA PRO A 434 -10.05 -14.16 2.48
C PRO A 434 -10.15 -14.12 4.01
N ARG A 435 -9.20 -14.73 4.73
CA ARG A 435 -9.20 -14.69 6.19
C ARG A 435 -8.65 -13.37 6.73
N SER A 436 -7.89 -12.62 5.91
CA SER A 436 -7.31 -11.35 6.38
C SER A 436 -8.41 -10.26 6.58
N SER A 437 -8.05 -9.12 7.21
CA SER A 437 -8.96 -8.00 7.38
C SER A 437 -9.14 -7.13 6.09
N ALA A 438 -8.30 -7.34 5.04
CA ALA A 438 -8.39 -6.55 3.81
C ALA A 438 -9.76 -6.69 3.13
N VAL A 439 -10.30 -5.58 2.64
CA VAL A 439 -11.61 -5.51 2.02
C VAL A 439 -11.41 -5.29 0.53
N THR A 440 -11.83 -6.28 -0.27
CA THR A 440 -11.74 -6.19 -1.73
C THR A 440 -13.15 -6.33 -2.35
N PRO A 441 -13.42 -5.90 -3.59
CA PRO A 441 -14.75 -6.16 -4.18
C PRO A 441 -15.01 -7.68 -4.33
N ASP A 442 -16.29 -8.08 -4.37
CA ASP A 442 -16.74 -9.48 -4.50
C ASP A 442 -16.70 -9.92 -5.98
N GLU A 443 -15.50 -9.95 -6.55
CA GLU A 443 -15.27 -10.31 -7.95
C GLU A 443 -13.86 -10.84 -8.11
N GLU A 444 -13.69 -11.86 -8.96
CA GLU A 444 -12.38 -12.51 -9.13
C GLU A 444 -11.29 -11.56 -9.63
N VAL A 445 -11.66 -10.63 -10.51
CA VAL A 445 -10.74 -9.62 -11.03
C VAL A 445 -11.28 -8.26 -10.62
N PHE A 446 -10.41 -7.41 -10.04
CA PHE A 446 -10.75 -6.04 -9.68
C PHE A 446 -9.57 -5.16 -9.99
N TYR A 447 -9.81 -3.86 -10.17
CA TYR A 447 -8.77 -2.89 -10.47
C TYR A 447 -8.47 -1.99 -9.33
N LEU A 448 -7.20 -1.55 -9.23
CA LEU A 448 -6.90 -0.44 -8.38
C LEU A 448 -7.07 0.75 -9.34
N VAL A 449 -7.74 1.80 -8.88
CA VAL A 449 -7.83 3.06 -9.57
C VAL A 449 -7.34 4.06 -8.52
N ALA A 450 -6.17 4.63 -8.76
CA ALA A 450 -5.56 5.54 -7.78
C ALA A 450 -5.45 6.96 -8.34
N PHE A 451 -6.15 7.91 -7.72
CA PHE A 451 -6.18 9.33 -8.09
C PHE A 451 -5.16 9.98 -7.17
N LEU A 452 -3.95 10.17 -7.70
CA LEU A 452 -2.82 10.67 -6.92
C LEU A 452 -2.47 12.09 -7.30
N ARG A 453 -3.45 12.97 -7.20
CA ARG A 453 -3.22 14.35 -7.60
C ARG A 453 -2.89 15.21 -6.40
N SER A 454 -1.91 16.08 -6.58
CA SER A 454 -1.47 16.98 -5.52
C SER A 454 -2.05 18.38 -5.74
N ALA A 455 -2.33 19.09 -4.62
CA ALA A 455 -2.78 20.48 -4.65
C ALA A 455 -1.56 21.38 -4.99
N LEU A 456 -1.84 22.60 -5.48
CA LEU A 456 -0.82 23.59 -5.81
C LEU A 456 -0.21 24.09 -4.50
N PRO A 457 1.12 24.38 -4.45
CA PRO A 457 1.71 24.84 -3.17
C PRO A 457 1.15 26.18 -2.69
N GLY A 458 0.89 26.27 -1.39
CA GLY A 458 0.35 27.46 -0.71
C GLY A 458 -0.98 27.99 -1.22
N ALA A 459 -1.75 27.13 -1.98
CA ALA A 459 -3.04 27.45 -2.63
C ALA A 459 -4.18 26.61 -2.06
N PRO A 460 -4.79 27.00 -0.91
CA PRO A 460 -5.85 26.17 -0.30
C PRO A 460 -7.04 25.80 -1.19
N GLU A 461 -7.43 26.69 -2.10
CA GLU A 461 -8.58 26.48 -3.01
C GLU A 461 -8.36 25.29 -3.97
N SER A 462 -7.09 24.97 -4.26
CA SER A 462 -6.67 23.88 -5.16
C SER A 462 -7.04 22.53 -4.49
N LEU A 463 -6.75 22.43 -3.19
CA LEU A 463 -7.05 21.29 -2.34
C LEU A 463 -8.59 21.11 -2.29
N GLU A 464 -9.32 22.23 -2.17
CA GLU A 464 -10.79 22.23 -2.11
C GLU A 464 -11.38 21.71 -3.41
N ALA A 465 -10.84 22.12 -4.55
CA ALA A 465 -11.34 21.69 -5.87
C ALA A 465 -11.09 20.17 -6.09
N LEU A 466 -9.91 19.68 -5.65
CA LEU A 466 -9.56 18.27 -5.74
C LEU A 466 -10.43 17.48 -4.79
N ALA A 467 -10.69 17.98 -3.58
CA ALA A 467 -11.60 17.28 -2.66
C ALA A 467 -13.02 17.16 -3.24
N ARG A 468 -13.52 18.19 -3.96
CA ARG A 468 -14.86 18.12 -4.58
C ARG A 468 -14.85 17.09 -5.72
N GLN A 469 -13.76 17.03 -6.51
CA GLN A 469 -13.62 16.01 -7.56
C GLN A 469 -13.69 14.59 -6.98
N ASN A 470 -13.02 14.35 -5.83
CA ASN A 470 -13.02 13.06 -5.13
C ASN A 470 -14.44 12.69 -4.71
N GLN A 471 -15.17 13.65 -4.12
CA GLN A 471 -16.55 13.41 -3.71
C GLN A 471 -17.46 13.10 -4.94
N ARG A 472 -17.19 13.72 -6.11
CA ARG A 472 -17.91 13.47 -7.37
C ARG A 472 -17.64 12.03 -7.87
N ILE A 473 -16.40 11.54 -7.72
CA ILE A 473 -16.04 10.16 -8.08
C ILE A 473 -16.81 9.17 -7.17
N LEU A 474 -16.81 9.40 -5.83
CA LEU A 474 -17.53 8.56 -4.86
C LEU A 474 -19.04 8.57 -5.13
N ASP A 475 -19.62 9.75 -5.45
CA ASP A 475 -21.06 9.90 -5.79
C ASP A 475 -21.38 9.16 -7.10
N PHE A 476 -20.45 9.17 -8.07
CA PHE A 476 -20.63 8.45 -9.33
C PHE A 476 -20.71 6.94 -9.05
N CYS A 477 -19.79 6.39 -8.23
CA CYS A 477 -19.80 4.96 -7.88
C CYS A 477 -21.10 4.62 -7.14
N ALA A 478 -21.50 5.49 -6.18
CA ALA A 478 -22.72 5.29 -5.38
C ALA A 478 -24.02 5.33 -6.26
N GLY A 479 -24.12 6.33 -7.13
CA GLY A 479 -25.28 6.58 -7.99
C GLY A 479 -25.50 5.57 -9.09
N THR A 480 -24.45 4.84 -9.51
CA THR A 480 -24.53 3.82 -10.57
C THR A 480 -24.37 2.41 -10.00
N GLY A 481 -24.32 2.32 -8.67
CA GLY A 481 -24.21 1.04 -7.97
C GLY A 481 -22.95 0.26 -8.25
N ILE A 482 -21.81 0.95 -8.48
CA ILE A 482 -20.53 0.26 -8.68
C ILE A 482 -20.10 -0.24 -7.27
N GLY A 483 -19.90 -1.51 -7.13
CA GLY A 483 -19.49 -2.05 -5.84
C GLY A 483 -18.02 -1.83 -5.53
N ALA A 484 -17.54 -0.56 -5.69
CA ALA A 484 -16.14 -0.21 -5.40
C ALA A 484 -15.90 -0.22 -3.88
N LYS A 485 -14.66 -0.49 -3.48
CA LYS A 485 -14.27 -0.45 -2.09
C LYS A 485 -13.08 0.49 -2.01
N GLN A 486 -13.04 1.31 -0.98
CA GLN A 486 -11.90 2.18 -0.79
C GLN A 486 -10.71 1.38 -0.25
N TYR A 487 -9.49 1.63 -0.80
CA TYR A 487 -8.24 1.10 -0.27
C TYR A 487 -7.70 2.27 0.58
N LEU A 488 -7.11 2.00 1.75
CA LEU A 488 -6.67 3.01 2.75
C LEU A 488 -7.95 3.81 3.08
N PRO A 489 -9.06 3.13 3.50
CA PRO A 489 -10.34 3.85 3.66
C PRO A 489 -10.26 5.08 4.54
N GLY A 490 -10.84 6.17 4.03
CA GLY A 490 -10.89 7.49 4.67
C GLY A 490 -12.23 7.75 5.34
N HIS A 491 -13.06 6.68 5.51
CA HIS A 491 -14.37 6.75 6.18
C HIS A 491 -14.21 7.20 7.64
N LYS A 492 -15.23 7.86 8.18
CA LYS A 492 -15.17 8.24 9.59
C LYS A 492 -16.50 7.95 10.33
N ALA A 493 -17.61 7.72 9.57
CA ALA A 493 -18.94 7.42 10.14
C ALA A 493 -19.18 5.93 10.24
N ARG A 494 -19.81 5.50 11.34
CA ARG A 494 -20.12 4.11 11.66
C ARG A 494 -20.92 3.39 10.57
N HIS A 495 -21.89 4.08 9.94
CA HIS A 495 -22.67 3.43 8.88
C HIS A 495 -21.85 3.29 7.58
N GLU A 496 -20.85 4.19 7.36
CA GLU A 496 -19.94 4.11 6.21
C GLU A 496 -19.02 2.88 6.41
N TRP A 497 -18.56 2.61 7.65
CA TRP A 497 -17.69 1.47 7.97
C TRP A 497 -18.41 0.14 7.84
N ALA A 498 -19.68 0.07 8.32
CA ALA A 498 -20.50 -1.15 8.25
C ALA A 498 -20.75 -1.51 6.79
N GLU A 499 -21.01 -0.51 5.95
CA GLU A 499 -21.20 -0.62 4.51
C GLU A 499 -19.89 -1.08 3.84
N HIS A 500 -18.74 -0.46 4.21
CA HIS A 500 -17.41 -0.80 3.69
C HIS A 500 -17.13 -2.28 3.91
N PHE A 501 -17.24 -2.75 5.18
CA PHE A 501 -16.96 -4.14 5.50
C PHE A 501 -18.05 -5.14 5.06
N GLY A 502 -19.32 -4.75 5.20
CA GLY A 502 -20.45 -5.66 5.00
C GLY A 502 -20.72 -6.34 6.34
N ALA A 503 -21.92 -6.93 6.50
CA ALA A 503 -22.32 -7.56 7.77
C ALA A 503 -21.33 -8.61 8.35
N ALA A 504 -20.96 -9.64 7.61
CA ALA A 504 -20.07 -10.69 8.09
C ALA A 504 -18.66 -10.20 8.52
N ARG A 505 -18.01 -9.37 7.69
CA ARG A 505 -16.67 -8.82 7.95
C ARG A 505 -16.73 -7.82 9.11
N TRP A 506 -17.80 -7.01 9.19
CA TRP A 506 -17.97 -6.07 10.29
C TRP A 506 -18.04 -6.78 11.62
N ASP A 507 -18.79 -7.89 11.67
CA ASP A 507 -18.94 -8.73 12.84
C ASP A 507 -17.60 -9.34 13.26
N ARG A 508 -16.82 -9.87 12.31
CA ARG A 508 -15.49 -10.42 12.60
C ARG A 508 -14.55 -9.30 13.12
N PHE A 509 -14.62 -8.11 12.51
CA PHE A 509 -13.81 -6.93 12.88
C PHE A 509 -14.07 -6.44 14.31
N ALA A 510 -15.37 -6.26 14.66
CA ALA A 510 -15.83 -5.82 16.00
C ALA A 510 -15.44 -6.84 17.06
N ARG A 511 -15.61 -8.15 16.78
CA ARG A 511 -15.24 -9.22 17.72
C ARG A 511 -13.74 -9.24 17.97
N LEU A 512 -12.92 -9.05 16.90
CA LEU A 512 -11.46 -8.99 17.06
C LEU A 512 -11.08 -7.76 17.92
N LYS A 513 -11.78 -6.63 17.74
CA LYS A 513 -11.51 -5.41 18.51
C LYS A 513 -11.79 -5.63 20.02
N ALA A 514 -12.92 -6.29 20.33
CA ALA A 514 -13.36 -6.63 21.70
C ALA A 514 -12.29 -7.50 22.42
N GLU A 515 -11.67 -8.41 21.68
CA GLU A 515 -10.65 -9.31 22.15
C GLU A 515 -9.25 -8.68 22.30
N PHE A 516 -8.78 -7.90 21.28
CA PHE A 516 -7.40 -7.41 21.29
C PHE A 516 -7.20 -5.92 21.62
N ASP A 517 -8.25 -5.08 21.51
CA ASP A 517 -8.17 -3.65 21.86
C ASP A 517 -9.56 -3.18 22.43
N PRO A 518 -10.06 -3.80 23.54
CA PRO A 518 -11.39 -3.39 24.09
C PRO A 518 -11.54 -1.93 24.45
N ARG A 519 -10.46 -1.25 24.84
CA ARG A 519 -10.54 0.15 25.21
C ARG A 519 -10.38 1.10 24.02
N ALA A 520 -10.20 0.54 22.79
CA ALA A 520 -10.01 1.28 21.53
C ALA A 520 -8.85 2.29 21.62
N ILE A 521 -7.74 1.84 22.23
CA ILE A 521 -6.52 2.63 22.40
C ILE A 521 -5.77 2.85 21.06
N LEU A 522 -5.66 1.79 20.24
CA LEU A 522 -4.83 1.78 19.04
C LEU A 522 -5.44 2.30 17.79
N ALA A 523 -4.64 3.11 17.07
CA ALA A 523 -4.94 3.67 15.76
C ALA A 523 -6.35 4.30 15.71
N ALA A 524 -6.69 5.12 16.72
CA ALA A 524 -7.98 5.80 16.82
C ALA A 524 -8.15 6.84 15.72
N GLY A 525 -7.04 7.23 15.10
CA GLY A 525 -7.06 8.16 13.98
C GLY A 525 -7.76 7.60 12.74
N GLN A 526 -7.98 6.25 12.70
CA GLN A 526 -8.70 5.59 11.59
C GLN A 526 -10.22 5.90 11.69
N GLY A 527 -10.64 6.28 12.91
CA GLY A 527 -12.01 6.68 13.24
C GLY A 527 -13.03 5.59 13.05
N ILE A 528 -12.72 4.36 13.52
CA ILE A 528 -13.62 3.21 13.40
C ILE A 528 -14.36 2.96 14.74
N PHE A 529 -13.61 2.90 15.84
CA PHE A 529 -14.15 2.61 17.19
C PHE A 529 -14.01 3.78 18.17
#